data_6F06
#
_entry.id   6F06
#
_cell.length_a   43.040
_cell.length_b   50.791
_cell.length_c   84.911
_cell.angle_alpha   90.00
_cell.angle_beta   91.53
_cell.angle_gamma   90.00
#
_symmetry.space_group_name_H-M   'P 1 21 1'
#
loop_
_entity.id
_entity.type
_entity.pdbx_description
1 polymer 'Cathepsin L1'
2 non-polymer (3~{S},14~{E})-8-(azetidin-3-yl)-19-chloranyl-~{N}-(1-cyanocyclopropyl)-5-oxidanylidene-12,17-dioxa-4-azatricyclo[16.2.2.0^{6,11}]docosa-1(21),6(11),7,9,14,18(22),19-heptaene-3-carboxamide
3 non-polymer 'ZINC ION'
4 non-polymer 'CHLORIDE ION'
5 water water
#
_entity_poly.entity_id   1
_entity_poly.type   'polypeptide(L)'
_entity_poly.pdbx_seq_one_letter_code
;APRSVDWREKGYVTPVKNQGQCGSCWAFSATGALEGQMFRKTGRLISLSEQNLVDCSGPQGNEGCNGGLMDYAFQYVQDN
GGLDSEESYPYEATEESCKYNPKYSVANDTGFVDIPKQEKALMKAVATVGPISVAIDAGHESFLFYKEGIYFEPDCSSED
MDHGVLVVGYGFESTESDNNKYWLVKNSWGEEWGMGGYVKMAKDRRNHCGIASAASYPTV
;
_entity_poly.pdbx_strand_id   A,B
#
# COMPACT_ATOMS: atom_id res chain seq x y z
N ALA A 1 1.59 3.56 -20.43
CA ALA A 1 1.35 2.98 -19.08
C ALA A 1 2.71 2.69 -18.41
N PRO A 2 2.81 2.86 -17.06
CA PRO A 2 4.04 2.51 -16.31
C PRO A 2 4.32 1.01 -16.41
N ARG A 3 5.55 0.59 -16.11
CA ARG A 3 5.95 -0.80 -16.04
C ARG A 3 5.47 -1.53 -14.78
N SER A 4 5.17 -0.78 -13.73
CA SER A 4 4.78 -1.32 -12.41
C SER A 4 3.66 -0.48 -11.88
N VAL A 5 2.69 -1.11 -11.22
CA VAL A 5 1.67 -0.42 -10.47
C VAL A 5 1.28 -1.28 -9.28
N ASP A 6 1.07 -0.68 -8.11
CA ASP A 6 0.57 -1.40 -6.93
C ASP A 6 -0.31 -0.43 -6.10
N TRP A 7 -1.64 -0.54 -6.21
CA TRP A 7 -2.51 0.40 -5.44
C TRP A 7 -2.47 0.23 -3.94
N ARG A 8 -1.90 -0.88 -3.49
CA ARG A 8 -1.99 -1.28 -2.08
C ARG A 8 -1.25 -0.29 -1.21
N GLU A 9 -0.16 0.24 -1.77
CA GLU A 9 0.69 1.15 -1.06
C GLU A 9 0.17 2.58 -1.18
N LYS A 10 -0.74 2.85 -2.11
CA LYS A 10 -1.42 4.14 -2.11
C LYS A 10 -2.66 4.12 -1.20
N GLY A 11 -2.90 3.09 -0.42
CA GLY A 11 -4.04 3.10 0.53
C GLY A 11 -5.44 2.82 -0.01
N TYR A 12 -5.49 2.19 -1.18
CA TYR A 12 -6.72 1.94 -1.94
C TYR A 12 -7.35 0.57 -1.60
N VAL A 13 -6.67 -0.28 -0.82
CA VAL A 13 -7.06 -1.69 -0.71
C VAL A 13 -7.24 -2.09 0.76
N THR A 14 -8.42 -2.63 1.09
CA THR A 14 -8.70 -3.13 2.45
C THR A 14 -7.98 -4.47 2.73
N PRO A 15 -7.89 -4.91 4.02
CA PRO A 15 -7.46 -6.28 4.29
C PRO A 15 -8.14 -7.31 3.37
N VAL A 16 -7.36 -8.34 3.03
CA VAL A 16 -7.88 -9.58 2.43
C VAL A 16 -8.97 -10.18 3.34
N LYS A 17 -10.08 -10.56 2.73
CA LYS A 17 -11.20 -11.16 3.46
C LYS A 17 -11.32 -12.66 3.09
N ASN A 18 -12.25 -13.36 3.71
CA ASN A 18 -12.42 -14.77 3.43
C ASN A 18 -13.91 -14.98 3.13
N GLN A 19 -14.26 -15.30 1.89
CA GLN A 19 -15.68 -15.46 1.65
C GLN A 19 -16.29 -16.61 2.47
N GLY A 20 -15.45 -17.50 2.99
CA GLY A 20 -15.89 -18.77 3.61
C GLY A 20 -16.76 -19.68 2.73
N GLN A 21 -17.74 -20.34 3.35
CA GLN A 21 -18.59 -21.31 2.65
C GLN A 21 -19.80 -20.63 2.05
N CYS A 22 -19.52 -19.68 1.17
CA CYS A 22 -20.53 -18.99 0.42
C CYS A 22 -19.91 -18.64 -0.93
N GLY A 23 -20.68 -18.88 -1.98
CA GLY A 23 -20.22 -18.65 -3.38
C GLY A 23 -20.41 -17.18 -3.68
N SER A 24 -19.68 -16.36 -2.92
CA SER A 24 -19.77 -14.90 -2.97
C SER A 24 -18.53 -14.19 -3.53
N CYS A 25 -17.60 -14.92 -4.15
CA CYS A 25 -16.44 -14.22 -4.74
C CYS A 25 -16.84 -12.96 -5.55
N TRP A 26 -17.92 -13.03 -6.32
CA TRP A 26 -18.41 -11.86 -7.07
C TRP A 26 -18.63 -10.60 -6.17
N ALA A 27 -19.16 -10.83 -4.95
CA ALA A 27 -19.45 -9.75 -4.03
C ALA A 27 -18.13 -9.13 -3.47
N PHE A 28 -17.16 -9.95 -3.10
CA PHE A 28 -15.87 -9.48 -2.66
C PHE A 28 -15.17 -8.72 -3.79
N SER A 29 -15.26 -9.23 -5.01
CA SER A 29 -14.63 -8.57 -6.12
C SER A 29 -15.28 -7.21 -6.29
N ALA A 30 -16.61 -7.17 -6.18
CA ALA A 30 -17.34 -5.91 -6.28
C ALA A 30 -17.03 -4.89 -5.18
N THR A 31 -17.08 -5.30 -3.92
CA THR A 31 -16.75 -4.36 -2.84
C THR A 31 -15.30 -3.85 -3.02
N GLY A 32 -14.38 -4.71 -3.35
CA GLY A 32 -12.98 -4.25 -3.42
C GLY A 32 -12.81 -3.15 -4.45
N ALA A 33 -13.52 -3.27 -5.58
CA ALA A 33 -13.44 -2.25 -6.64
C ALA A 33 -14.11 -0.96 -6.19
N LEU A 34 -15.21 -1.09 -5.43
CA LEU A 34 -15.94 0.08 -5.04
C LEU A 34 -15.17 0.81 -3.93
N GLU A 35 -14.55 0.02 -3.07
CA GLU A 35 -13.70 0.52 -2.01
C GLU A 35 -12.55 1.37 -2.59
N GLY A 36 -11.95 0.90 -3.68
CA GLY A 36 -10.86 1.65 -4.32
C GLY A 36 -11.33 2.94 -4.90
N GLN A 37 -12.50 2.93 -5.53
CA GLN A 37 -13.02 4.18 -6.10
C GLN A 37 -13.59 5.21 -5.12
N MET A 38 -14.26 4.76 -4.05
CA MET A 38 -14.64 5.62 -2.96
C MET A 38 -13.42 6.32 -2.38
N PHE A 39 -12.32 5.58 -2.22
CA PHE A 39 -11.05 6.13 -1.74
C PHE A 39 -10.43 7.15 -2.71
N ARG A 40 -10.48 6.86 -4.00
CA ARG A 40 -10.05 7.83 -5.03
C ARG A 40 -10.85 9.16 -4.87
N LYS A 41 -12.09 9.02 -4.40
CA LYS A 41 -13.06 10.08 -4.41
C LYS A 41 -13.05 10.85 -3.08
N THR A 42 -13.03 10.17 -1.94
CA THR A 42 -13.19 10.82 -0.66
C THR A 42 -11.87 10.94 0.12
N GLY A 43 -10.87 10.14 -0.28
CA GLY A 43 -9.65 9.95 0.50
C GLY A 43 -9.80 9.04 1.70
N ARG A 44 -10.96 8.40 1.86
CA ARG A 44 -11.25 7.52 2.99
C ARG A 44 -11.50 6.06 2.59
N LEU A 45 -10.76 5.15 3.24
CA LEU A 45 -10.87 3.71 2.96
C LEU A 45 -11.81 2.99 3.93
N ILE A 46 -13.00 2.62 3.46
CA ILE A 46 -14.02 2.03 4.34
C ILE A 46 -14.47 0.67 3.77
N SER A 47 -14.39 -0.39 4.59
CA SER A 47 -14.82 -1.70 4.08
C SER A 47 -16.35 -1.78 3.76
N LEU A 48 -16.73 -2.27 2.58
CA LEU A 48 -18.17 -2.29 2.18
C LEU A 48 -18.76 -3.64 2.47
N SER A 49 -20.07 -3.68 2.68
CA SER A 49 -20.83 -4.92 2.99
C SER A 49 -21.10 -5.82 1.77
N GLU A 50 -20.27 -6.86 1.61
CA GLU A 50 -20.66 -8.01 0.81
C GLU A 50 -22.01 -8.62 1.19
N GLN A 51 -22.28 -8.70 2.48
CA GLN A 51 -23.60 -9.30 2.91
C GLN A 51 -24.75 -8.54 2.26
N ASN A 52 -24.62 -7.22 2.27
CA ASN A 52 -25.64 -6.34 1.73
C ASN A 52 -25.89 -6.68 0.24
N LEU A 53 -24.80 -6.96 -0.50
CA LEU A 53 -24.93 -7.48 -1.85
C LEU A 53 -25.54 -8.87 -1.85
N VAL A 54 -24.97 -9.78 -1.10
CA VAL A 54 -25.54 -11.11 -1.03
C VAL A 54 -27.05 -11.08 -0.78
N ASP A 55 -27.50 -10.34 0.22
CA ASP A 55 -28.92 -10.47 0.62
C ASP A 55 -29.89 -9.79 -0.37
N CYS A 56 -29.43 -8.73 -1.05
CA CYS A 56 -30.36 -7.79 -1.68
C CYS A 56 -30.23 -7.66 -3.22
N SER A 57 -29.16 -8.13 -3.84
CA SER A 57 -29.00 -7.78 -5.28
C SER A 57 -29.65 -8.79 -6.22
N GLY A 58 -30.71 -9.45 -5.72
CA GLY A 58 -31.44 -10.48 -6.44
C GLY A 58 -32.20 -9.97 -7.63
N PRO A 59 -32.83 -8.78 -7.52
CA PRO A 59 -33.50 -8.24 -8.68
C PRO A 59 -32.52 -7.86 -9.78
N GLN A 60 -31.26 -7.63 -9.45
CA GLN A 60 -30.29 -7.29 -10.51
C GLN A 60 -29.74 -8.59 -11.14
N GLY A 61 -30.10 -9.71 -10.54
CA GLY A 61 -29.76 -10.99 -11.16
C GLY A 61 -28.71 -11.78 -10.40
N ASN A 62 -28.21 -11.24 -9.30
CA ASN A 62 -27.44 -12.12 -8.42
C ASN A 62 -28.29 -13.17 -7.68
N GLU A 63 -27.61 -14.29 -7.39
CA GLU A 63 -28.12 -15.47 -6.73
C GLU A 63 -27.50 -15.74 -5.33
N GLY A 64 -27.10 -14.68 -4.63
CA GLY A 64 -26.60 -14.81 -3.25
C GLY A 64 -25.36 -15.65 -3.09
N CYS A 65 -25.48 -16.73 -2.30
CA CYS A 65 -24.40 -17.73 -2.16
C CYS A 65 -24.36 -18.74 -3.29
N ASN A 66 -25.32 -18.68 -4.21
CA ASN A 66 -25.18 -19.47 -5.43
C ASN A 66 -24.52 -18.74 -6.61
N GLY A 67 -24.08 -17.51 -6.39
CA GLY A 67 -23.28 -16.84 -7.39
C GLY A 67 -23.86 -15.53 -7.93
N GLY A 68 -23.05 -14.87 -8.74
CA GLY A 68 -23.51 -13.58 -9.22
C GLY A 68 -22.42 -13.03 -10.09
N LEU A 69 -22.56 -11.74 -10.46
CA LEU A 69 -21.65 -11.01 -11.34
C LEU A 69 -21.36 -9.62 -10.75
N MET A 70 -20.16 -9.10 -11.04
CA MET A 70 -19.77 -7.85 -10.42
C MET A 70 -20.63 -6.75 -11.00
N ASP A 71 -20.80 -6.76 -12.32
CA ASP A 71 -21.65 -5.78 -12.96
C ASP A 71 -23.01 -5.79 -12.25
N TYR A 72 -23.49 -6.97 -11.92
CA TYR A 72 -24.80 -7.02 -11.28
C TYR A 72 -24.77 -6.26 -9.95
N ALA A 73 -23.72 -6.42 -9.16
CA ALA A 73 -23.60 -5.73 -7.87
C ALA A 73 -23.51 -4.19 -8.04
N PHE A 74 -22.68 -3.72 -8.97
CA PHE A 74 -22.63 -2.29 -9.25
C PHE A 74 -23.96 -1.68 -9.62
N GLN A 75 -24.78 -2.41 -10.40
CA GLN A 75 -26.11 -1.90 -10.73
C GLN A 75 -26.93 -1.87 -9.47
N TYR A 76 -26.75 -2.89 -8.65
CA TYR A 76 -27.60 -2.91 -7.43
C TYR A 76 -27.41 -1.62 -6.73
N VAL A 77 -26.12 -1.28 -6.51
CA VAL A 77 -25.73 -0.11 -5.73
C VAL A 77 -26.35 1.15 -6.31
N GLN A 78 -26.31 1.23 -7.65
CA GLN A 78 -26.88 2.30 -8.38
C GLN A 78 -28.38 2.34 -8.18
N ASP A 79 -29.09 1.26 -8.51
CA ASP A 79 -30.53 1.17 -8.26
C ASP A 79 -30.88 1.43 -6.79
N ASN A 80 -30.16 0.80 -5.86
CA ASN A 80 -30.41 0.99 -4.41
C ASN A 80 -30.13 2.42 -3.90
N GLY A 81 -29.23 3.14 -4.57
CA GLY A 81 -28.82 4.48 -4.13
C GLY A 81 -27.91 4.49 -2.91
N GLY A 82 -27.16 3.41 -2.71
CA GLY A 82 -26.20 3.34 -1.60
C GLY A 82 -25.89 1.91 -1.20
N LEU A 83 -24.90 1.78 -0.34
CA LEU A 83 -24.42 0.50 0.12
C LEU A 83 -23.87 0.66 1.54
N ASP A 84 -24.25 -0.24 2.45
CA ASP A 84 -23.91 -0.13 3.86
C ASP A 84 -22.42 -0.49 4.03
N SER A 85 -21.79 0.03 5.09
CA SER A 85 -20.46 -0.37 5.43
C SER A 85 -20.45 -1.83 5.91
N GLU A 86 -19.28 -2.47 5.83
CA GLU A 86 -19.03 -3.77 6.46
C GLU A 86 -19.41 -3.83 7.93
N GLU A 87 -19.01 -2.82 8.72
CA GLU A 87 -19.30 -2.92 10.15
C GLU A 87 -20.77 -2.70 10.51
N SER A 88 -21.53 -1.93 9.70
CA SER A 88 -22.99 -1.72 9.91
C SER A 88 -23.76 -2.98 9.51
N TYR A 89 -23.24 -3.72 8.54
CA TYR A 89 -23.98 -4.87 8.00
C TYR A 89 -22.96 -5.99 7.73
N PRO A 90 -22.46 -6.62 8.81
CA PRO A 90 -21.28 -7.51 8.69
C PRO A 90 -21.50 -8.79 7.92
N TYR A 91 -20.41 -9.32 7.39
CA TYR A 91 -20.45 -10.48 6.47
C TYR A 91 -20.79 -11.78 7.27
N GLU A 92 -21.77 -12.55 6.83
CA GLU A 92 -22.03 -13.83 7.53
C GLU A 92 -21.96 -15.11 6.68
N ALA A 93 -21.34 -15.08 5.48
CA ALA A 93 -21.28 -16.27 4.62
C ALA A 93 -22.59 -17.06 4.54
N THR A 94 -23.74 -16.37 4.46
CA THR A 94 -25.04 -17.01 4.18
C THR A 94 -25.88 -15.99 3.48
N GLU A 95 -27.15 -16.30 3.28
CA GLU A 95 -28.04 -15.33 2.68
C GLU A 95 -29.17 -15.32 3.62
N GLU A 96 -29.73 -14.12 3.84
CA GLU A 96 -30.81 -13.85 4.76
C GLU A 96 -31.58 -12.74 4.06
N SER A 97 -32.74 -12.36 4.60
CA SER A 97 -33.59 -11.32 4.00
C SER A 97 -32.83 -10.00 3.93
N CYS A 98 -33.21 -9.15 2.98
CA CYS A 98 -32.46 -7.94 2.77
C CYS A 98 -32.55 -7.05 4.01
N LYS A 99 -31.41 -6.58 4.51
CA LYS A 99 -31.41 -5.72 5.69
C LYS A 99 -30.86 -4.32 5.45
N TYR A 100 -30.84 -3.89 4.20
CA TYR A 100 -30.22 -2.61 3.83
C TYR A 100 -30.78 -1.41 4.60
N ASN A 101 -29.89 -0.60 5.17
CA ASN A 101 -30.27 0.57 5.93
C ASN A 101 -29.59 1.80 5.37
N PRO A 102 -30.37 2.72 4.75
CA PRO A 102 -29.81 3.90 4.07
C PRO A 102 -28.99 4.78 5.01
N LYS A 103 -29.39 4.80 6.28
CA LYS A 103 -28.71 5.48 7.37
C LYS A 103 -27.21 5.12 7.43
N TYR A 104 -26.85 3.87 7.18
CA TYR A 104 -25.42 3.47 7.24
C TYR A 104 -24.73 3.34 5.89
N SER A 105 -25.35 3.91 4.86
CA SER A 105 -24.71 3.86 3.53
C SER A 105 -23.45 4.63 3.50
N VAL A 106 -22.43 4.12 2.86
CA VAL A 106 -21.20 4.87 2.88
C VAL A 106 -20.66 4.91 1.49
N ALA A 107 -21.36 4.28 0.54
CA ALA A 107 -20.84 4.18 -0.83
C ALA A 107 -21.95 4.20 -1.85
N ASN A 108 -21.60 4.62 -3.07
CA ASN A 108 -22.56 4.81 -4.17
C ASN A 108 -21.88 4.64 -5.47
N ASP A 109 -22.65 4.28 -6.50
CA ASP A 109 -22.12 4.30 -7.85
C ASP A 109 -23.18 4.70 -8.92
N THR A 110 -22.65 5.29 -9.98
CA THR A 110 -23.45 5.99 -10.97
C THR A 110 -23.56 5.09 -12.20
N GLY A 111 -22.97 3.91 -12.07
CA GLY A 111 -22.95 2.88 -13.09
C GLY A 111 -21.66 2.10 -12.96
N PHE A 112 -21.16 1.64 -14.12
CA PHE A 112 -19.93 0.90 -14.28
C PHE A 112 -19.40 0.92 -15.74
N VAL A 113 -18.13 0.62 -15.87
CA VAL A 113 -17.44 0.62 -17.14
C VAL A 113 -16.90 -0.80 -17.39
N ASP A 114 -17.20 -1.39 -18.55
CA ASP A 114 -16.56 -2.63 -19.00
C ASP A 114 -15.33 -2.22 -19.76
N ILE A 115 -14.20 -2.86 -19.49
CA ILE A 115 -12.94 -2.56 -20.18
C ILE A 115 -12.75 -3.42 -21.42
N PRO A 116 -12.17 -2.87 -22.53
CA PRO A 116 -11.90 -3.75 -23.71
C PRO A 116 -11.19 -5.07 -23.34
N LYS A 117 -11.60 -6.16 -24.00
CA LYS A 117 -11.30 -7.53 -23.63
C LYS A 117 -9.95 -7.98 -24.18
N GLN A 118 -8.90 -7.25 -23.86
CA GLN A 118 -7.54 -7.72 -24.08
C GLN A 118 -6.66 -7.07 -23.00
N GLU A 119 -5.49 -7.63 -22.78
CA GLU A 119 -4.60 -7.25 -21.67
C GLU A 119 -4.03 -5.83 -21.67
N LYS A 120 -3.90 -5.21 -22.83
CA LYS A 120 -3.28 -3.90 -22.89
C LYS A 120 -4.33 -2.89 -22.38
N ALA A 121 -5.56 -3.04 -22.86
CA ALA A 121 -6.66 -2.24 -22.37
C ALA A 121 -6.74 -2.44 -20.85
N LEU A 122 -6.62 -3.68 -20.35
CA LEU A 122 -6.68 -3.87 -18.87
C LEU A 122 -5.55 -3.11 -18.16
N MET A 123 -4.34 -3.13 -18.71
CA MET A 123 -3.15 -2.52 -18.07
C MET A 123 -3.35 -1.00 -17.89
N LYS A 124 -3.85 -0.35 -18.93
CA LYS A 124 -4.21 1.07 -18.84
C LYS A 124 -5.29 1.31 -17.80
N ALA A 125 -6.33 0.46 -17.75
CA ALA A 125 -7.37 0.66 -16.76
C ALA A 125 -6.76 0.60 -15.39
N VAL A 126 -6.01 -0.47 -15.12
CA VAL A 126 -5.38 -0.65 -13.80
C VAL A 126 -4.44 0.55 -13.49
N ALA A 127 -3.71 0.99 -14.50
CA ALA A 127 -2.82 2.14 -14.35
C ALA A 127 -3.53 3.45 -13.99
N THR A 128 -4.69 3.73 -14.58
CA THR A 128 -5.23 5.07 -14.47
C THR A 128 -6.42 5.11 -13.52
N VAL A 129 -7.14 4.01 -13.41
CA VAL A 129 -8.43 3.97 -12.69
C VAL A 129 -8.28 3.48 -11.22
N GLY A 130 -7.55 2.38 -11.01
CA GLY A 130 -7.31 1.80 -9.68
C GLY A 130 -7.62 0.31 -9.69
N PRO A 131 -7.85 -0.30 -8.52
CA PRO A 131 -8.33 -1.68 -8.49
C PRO A 131 -9.54 -1.98 -9.42
N ILE A 132 -9.45 -3.07 -10.15
CA ILE A 132 -10.39 -3.40 -11.21
C ILE A 132 -10.99 -4.78 -10.97
N SER A 133 -12.31 -4.89 -11.03
CA SER A 133 -12.92 -6.21 -10.89
C SER A 133 -12.72 -7.04 -12.14
N VAL A 134 -12.30 -8.29 -11.96
CA VAL A 134 -12.03 -9.26 -13.04
C VAL A 134 -12.48 -10.65 -12.60
N ALA A 135 -12.89 -11.50 -13.56
CA ALA A 135 -13.04 -12.96 -13.34
C ALA A 135 -11.93 -13.77 -14.03
N ILE A 136 -11.49 -14.81 -13.33
CA ILE A 136 -10.50 -15.72 -13.89
C ILE A 136 -11.03 -17.14 -13.93
N ASP A 137 -10.32 -17.99 -14.66
CA ASP A 137 -10.54 -19.43 -14.59
C ASP A 137 -9.75 -19.93 -13.39
N ALA A 138 -10.45 -20.08 -12.27
CA ALA A 138 -9.85 -20.52 -11.03
C ALA A 138 -10.15 -21.99 -10.75
N GLY A 139 -10.59 -22.73 -11.76
CA GLY A 139 -11.15 -24.04 -11.49
C GLY A 139 -10.12 -25.13 -11.65
N HIS A 140 -8.93 -24.92 -11.10
CA HIS A 140 -7.85 -25.90 -11.22
C HIS A 140 -7.17 -26.00 -9.89
N GLU A 141 -6.76 -27.19 -9.51
CA GLU A 141 -6.19 -27.39 -8.16
C GLU A 141 -4.91 -26.62 -7.89
N SER A 142 -4.09 -26.43 -8.93
CA SER A 142 -2.93 -25.53 -8.86
C SER A 142 -3.30 -24.16 -8.38
N PHE A 143 -4.49 -23.65 -8.69
CA PHE A 143 -4.93 -22.36 -8.16
C PHE A 143 -5.50 -22.53 -6.74
N LEU A 144 -6.31 -23.56 -6.52
CA LEU A 144 -6.86 -23.82 -5.17
C LEU A 144 -5.76 -23.89 -4.12
N PHE A 145 -4.57 -24.34 -4.53
CA PHE A 145 -3.46 -24.51 -3.56
C PHE A 145 -2.20 -23.73 -3.92
N TYR A 146 -2.43 -22.59 -4.60
CA TYR A 146 -1.38 -21.64 -4.95
C TYR A 146 -0.67 -21.05 -3.76
N LYS A 147 0.66 -21.01 -3.85
CA LYS A 147 1.51 -20.58 -2.74
C LYS A 147 2.21 -19.28 -3.08
N GLU A 148 3.00 -19.26 -4.16
CA GLU A 148 4.01 -18.21 -4.49
C GLU A 148 4.39 -18.29 -5.98
N GLY A 149 5.04 -17.25 -6.51
CA GLY A 149 5.46 -17.25 -7.92
C GLY A 149 4.39 -16.71 -8.89
N ILE A 150 4.77 -16.64 -10.16
CA ILE A 150 3.83 -16.26 -11.23
C ILE A 150 2.99 -17.49 -11.52
N TYR A 151 1.68 -17.39 -11.32
CA TYR A 151 0.81 -18.51 -11.62
C TYR A 151 0.59 -18.66 -13.12
N PHE A 152 0.89 -19.88 -13.60
CA PHE A 152 0.65 -20.30 -14.97
C PHE A 152 0.16 -21.74 -15.02
N GLU A 153 -1.08 -21.93 -15.45
CA GLU A 153 -1.65 -23.28 -15.52
C GLU A 153 -1.98 -23.66 -16.98
N PRO A 154 -1.29 -24.69 -17.54
CA PRO A 154 -1.38 -25.08 -18.98
C PRO A 154 -2.78 -25.30 -19.55
N ASP A 155 -3.73 -25.82 -18.77
CA ASP A 155 -5.05 -25.98 -19.36
C ASP A 155 -6.06 -24.95 -18.87
N CYS A 156 -5.56 -23.82 -18.38
CA CYS A 156 -6.42 -22.73 -18.01
C CYS A 156 -7.13 -22.28 -19.26
N SER A 157 -8.40 -21.90 -19.16
CA SER A 157 -9.13 -21.43 -20.37
C SER A 157 -9.38 -19.91 -20.36
N SER A 158 -8.96 -19.21 -21.42
CA SER A 158 -9.28 -17.79 -21.62
C SER A 158 -10.77 -17.52 -21.69
N GLU A 159 -11.57 -18.57 -21.83
CA GLU A 159 -13.03 -18.45 -21.98
C GLU A 159 -13.85 -19.02 -20.79
N ASP A 160 -13.21 -19.82 -19.94
CA ASP A 160 -13.90 -20.46 -18.81
C ASP A 160 -13.66 -19.82 -17.45
N MET A 161 -13.96 -18.54 -17.33
CA MET A 161 -13.76 -17.85 -16.09
C MET A 161 -14.90 -18.19 -15.17
N ASP A 162 -14.60 -18.39 -13.90
CA ASP A 162 -15.60 -18.87 -12.96
C ASP A 162 -15.52 -18.19 -11.60
N HIS A 163 -14.62 -17.21 -11.48
CA HIS A 163 -14.27 -16.68 -10.12
C HIS A 163 -13.86 -15.21 -10.14
N GLY A 164 -14.65 -14.37 -9.48
CA GLY A 164 -14.33 -12.93 -9.43
C GLY A 164 -13.33 -12.59 -8.31
N VAL A 165 -12.34 -11.83 -8.75
CA VAL A 165 -11.25 -11.31 -7.93
C VAL A 165 -10.99 -9.82 -8.36
N LEU A 166 -9.88 -9.27 -7.89
CA LEU A 166 -9.59 -7.84 -7.90
C LEU A 166 -8.13 -7.63 -8.33
N VAL A 167 -7.92 -7.04 -9.51
CA VAL A 167 -6.57 -6.64 -9.89
C VAL A 167 -6.11 -5.37 -9.18
N VAL A 168 -5.11 -5.49 -8.31
CA VAL A 168 -4.67 -4.29 -7.60
C VAL A 168 -3.38 -3.74 -8.17
N GLY A 169 -2.91 -4.31 -9.26
CA GLY A 169 -1.69 -3.74 -9.84
C GLY A 169 -0.98 -4.75 -10.70
N TYR A 170 0.32 -4.56 -10.88
CA TYR A 170 1.01 -5.38 -11.81
C TYR A 170 2.46 -5.02 -11.89
N GLY A 171 3.29 -5.98 -12.29
CA GLY A 171 4.68 -5.70 -12.55
C GLY A 171 5.43 -6.88 -13.12
N PHE A 172 6.69 -7.01 -12.72
CA PHE A 172 7.59 -7.95 -13.34
C PHE A 172 8.63 -8.54 -12.39
N GLU A 173 9.22 -9.67 -12.79
CA GLU A 173 10.10 -10.47 -11.93
C GLU A 173 11.14 -11.24 -12.78
N SER A 174 12.32 -11.57 -12.24
CA SER A 174 13.26 -12.48 -12.96
C SER A 174 12.73 -13.93 -13.04
N THR A 175 12.82 -14.56 -14.21
CA THR A 175 12.42 -15.97 -14.37
C THR A 175 13.26 -16.73 -15.39
N GLU A 176 13.46 -18.04 -15.16
CA GLU A 176 14.26 -18.93 -16.04
C GLU A 176 13.81 -18.88 -17.54
N SER A 177 12.49 -18.73 -17.75
CA SER A 177 11.89 -18.73 -19.09
C SER A 177 11.70 -17.32 -19.67
N ASP A 178 12.13 -16.29 -18.92
CA ASP A 178 11.93 -14.86 -19.27
C ASP A 178 10.46 -14.50 -19.62
N ASN A 179 9.53 -15.31 -19.11
CA ASN A 179 8.14 -14.91 -19.02
C ASN A 179 7.88 -14.53 -17.58
N ASN A 180 7.90 -13.23 -17.30
CA ASN A 180 7.94 -12.76 -15.91
C ASN A 180 7.14 -11.49 -15.59
N LYS A 181 6.21 -11.12 -16.46
CA LYS A 181 5.25 -10.06 -16.14
C LYS A 181 4.08 -10.72 -15.43
N TYR A 182 3.57 -10.06 -14.42
CA TYR A 182 2.44 -10.65 -13.68
C TYR A 182 1.33 -9.66 -13.42
N TRP A 183 0.12 -10.17 -13.14
CA TRP A 183 -0.94 -9.33 -12.62
C TRP A 183 -1.02 -9.61 -11.11
N LEU A 184 -1.17 -8.55 -10.34
CA LEU A 184 -1.24 -8.63 -8.90
C LEU A 184 -2.69 -8.70 -8.45
N VAL A 185 -3.07 -9.86 -7.94
CA VAL A 185 -4.47 -10.18 -7.77
C VAL A 185 -4.85 -10.45 -6.33
N LYS A 186 -5.87 -9.73 -5.86
CA LYS A 186 -6.40 -9.85 -4.51
C LYS A 186 -7.51 -10.83 -4.55
N ASN A 187 -7.41 -11.87 -3.69
CA ASN A 187 -8.42 -12.96 -3.59
C ASN A 187 -9.23 -12.85 -2.26
N SER A 188 -10.27 -13.65 -2.10
CA SER A 188 -11.17 -13.56 -0.95
C SER A 188 -11.27 -14.88 -0.23
N TRP A 189 -10.13 -15.57 -0.15
CA TRP A 189 -10.08 -16.84 0.52
C TRP A 189 -9.23 -16.80 1.77
N GLY A 190 -8.97 -15.63 2.36
CA GLY A 190 -8.14 -15.57 3.58
C GLY A 190 -6.69 -15.20 3.34
N GLU A 191 -6.03 -14.76 4.40
CA GLU A 191 -4.63 -14.37 4.39
C GLU A 191 -3.67 -15.56 4.15
N GLU A 192 -4.10 -16.74 4.59
CA GLU A 192 -3.30 -17.97 4.59
C GLU A 192 -3.14 -18.56 3.17
N TRP A 193 -4.00 -18.13 2.24
CA TRP A 193 -3.94 -18.58 0.86
C TRP A 193 -2.97 -17.68 0.12
N GLY A 194 -2.27 -18.22 -0.86
CA GLY A 194 -1.39 -17.42 -1.70
C GLY A 194 -0.38 -16.65 -0.90
N MET A 195 -0.10 -15.40 -1.27
CA MET A 195 0.94 -14.63 -0.58
C MET A 195 0.25 -13.56 0.23
N GLY A 196 -0.29 -13.99 1.39
CA GLY A 196 -1.09 -13.11 2.20
C GLY A 196 -2.48 -12.91 1.61
N GLY A 197 -2.93 -13.85 0.79
CA GLY A 197 -4.26 -13.71 0.19
C GLY A 197 -4.27 -13.23 -1.25
N TYR A 198 -3.08 -13.00 -1.82
CA TYR A 198 -2.85 -12.49 -3.19
C TYR A 198 -2.16 -13.52 -4.08
N VAL A 199 -2.44 -13.50 -5.38
CA VAL A 199 -1.73 -14.32 -6.36
C VAL A 199 -1.12 -13.44 -7.47
N LYS A 200 0.07 -13.78 -7.96
CA LYS A 200 0.62 -13.16 -9.17
C LYS A 200 0.24 -13.99 -10.41
N MET A 201 -0.65 -13.48 -11.29
CA MET A 201 -1.17 -14.28 -12.43
C MET A 201 -0.35 -13.88 -13.64
N ALA A 202 0.02 -14.82 -14.48
CA ALA A 202 0.91 -14.48 -15.60
C ALA A 202 0.28 -13.38 -16.45
N LYS A 203 1.08 -12.44 -16.96
CA LYS A 203 0.50 -11.37 -17.76
C LYS A 203 1.15 -11.30 -19.15
N ASP A 204 0.35 -11.03 -20.17
CA ASP A 204 0.79 -11.01 -21.57
C ASP A 204 1.29 -12.41 -22.01
N ARG A 205 0.67 -13.43 -21.47
CA ARG A 205 0.76 -14.75 -22.08
C ARG A 205 -0.67 -15.07 -22.52
N ARG A 206 -1.12 -14.38 -23.57
CA ARG A 206 -2.33 -14.75 -24.26
C ARG A 206 -3.59 -14.80 -23.37
N ASN A 207 -3.78 -13.73 -22.58
CA ASN A 207 -4.95 -13.52 -21.76
C ASN A 207 -5.18 -14.72 -20.82
N HIS A 208 -4.13 -15.12 -20.13
CA HIS A 208 -4.10 -16.40 -19.39
C HIS A 208 -5.26 -16.43 -18.35
N CYS A 209 -6.02 -17.53 -18.35
CA CYS A 209 -7.12 -17.78 -17.42
C CYS A 209 -8.24 -16.74 -17.60
N GLY A 210 -8.09 -15.97 -18.67
CA GLY A 210 -9.11 -15.05 -19.14
C GLY A 210 -9.24 -13.82 -18.24
N ILE A 211 -8.15 -13.40 -17.61
CA ILE A 211 -8.18 -12.22 -16.71
C ILE A 211 -8.63 -10.90 -17.37
N ALA A 212 -8.33 -10.74 -18.66
CA ALA A 212 -8.68 -9.53 -19.37
C ALA A 212 -10.07 -9.65 -19.99
N SER A 213 -10.74 -10.79 -19.80
CA SER A 213 -11.96 -11.09 -20.61
C SER A 213 -13.23 -10.52 -20.01
N ALA A 214 -13.25 -10.39 -18.68
CA ALA A 214 -14.47 -9.91 -17.98
C ALA A 214 -14.15 -8.87 -16.89
N ALA A 215 -13.52 -7.78 -17.30
CA ALA A 215 -13.00 -6.76 -16.37
C ALA A 215 -13.87 -5.51 -16.40
N SER A 216 -14.26 -5.02 -15.22
CA SER A 216 -15.11 -3.82 -15.09
C SER A 216 -14.77 -3.01 -13.78
N TYR A 217 -15.18 -1.74 -13.72
CA TYR A 217 -15.11 -1.00 -12.45
C TYR A 217 -16.36 -0.14 -12.31
N PRO A 218 -16.72 0.22 -11.07
CA PRO A 218 -17.86 1.09 -10.95
C PRO A 218 -17.47 2.56 -11.11
N THR A 219 -18.39 3.36 -11.63
CA THR A 219 -18.17 4.79 -11.67
C THR A 219 -18.86 5.40 -10.45
N VAL A 220 -18.11 6.22 -9.71
CA VAL A 220 -18.59 6.88 -8.48
C VAL A 220 -18.68 8.42 -8.58
N ALA B 1 30.45 20.56 1.93
CA ALA B 1 29.13 20.01 1.44
C ALA B 1 28.48 20.81 0.28
N PRO B 2 27.64 20.14 -0.55
CA PRO B 2 26.97 20.85 -1.65
C PRO B 2 25.89 21.79 -1.16
N ARG B 3 25.59 22.83 -1.94
CA ARG B 3 24.46 23.72 -1.62
C ARG B 3 23.07 23.05 -1.79
N SER B 4 23.04 21.95 -2.52
CA SER B 4 21.83 21.19 -2.87
C SER B 4 22.08 19.68 -2.92
N VAL B 5 21.14 18.91 -2.38
CA VAL B 5 21.17 17.45 -2.57
C VAL B 5 19.78 16.92 -2.86
N ASP B 6 19.68 16.04 -3.86
CA ASP B 6 18.45 15.27 -3.98
C ASP B 6 18.73 13.81 -4.28
N TRP B 7 18.67 12.96 -3.25
CA TRP B 7 18.95 11.53 -3.45
C TRP B 7 17.93 10.83 -4.30
N ARG B 8 16.77 11.48 -4.57
CA ARG B 8 15.73 10.89 -5.42
C ARG B 8 16.25 10.79 -6.82
N GLU B 9 17.09 11.76 -7.21
CA GLU B 9 17.75 11.73 -8.53
C GLU B 9 18.85 10.69 -8.64
N LYS B 10 19.41 10.26 -7.51
CA LYS B 10 20.44 9.18 -7.53
C LYS B 10 19.84 7.76 -7.47
N GLY B 11 18.53 7.69 -7.27
CA GLY B 11 17.85 6.41 -7.29
C GLY B 11 17.81 5.72 -5.92
N TYR B 12 17.97 6.52 -4.85
CA TYR B 12 18.05 6.04 -3.47
C TYR B 12 16.64 5.96 -2.79
N VAL B 13 15.61 6.54 -3.42
CA VAL B 13 14.34 6.68 -2.72
C VAL B 13 13.23 5.94 -3.47
N THR B 14 12.39 5.22 -2.71
CA THR B 14 11.22 4.49 -3.24
C THR B 14 10.04 5.45 -3.37
N PRO B 15 8.99 5.07 -4.16
CA PRO B 15 7.80 5.94 -4.19
C PRO B 15 7.20 6.14 -2.79
N VAL B 16 6.46 7.24 -2.62
CA VAL B 16 5.79 7.62 -1.41
C VAL B 16 4.74 6.60 -1.06
N LYS B 17 4.62 6.27 0.24
CA LYS B 17 3.70 5.22 0.69
C LYS B 17 2.62 5.87 1.55
N ASN B 18 1.63 5.11 2.01
CA ASN B 18 0.57 5.67 2.82
C ASN B 18 0.40 4.68 3.95
N GLN B 19 0.65 5.11 5.17
CA GLN B 19 0.70 4.22 6.35
C GLN B 19 -0.72 3.89 6.81
N GLY B 20 -1.69 4.63 6.28
CA GLY B 20 -3.11 4.39 6.58
C GLY B 20 -3.38 4.77 8.01
N GLN B 21 -4.36 4.15 8.65
CA GLN B 21 -4.76 4.51 10.01
C GLN B 21 -3.95 3.66 10.97
N CYS B 22 -2.62 3.78 10.94
CA CYS B 22 -1.77 2.95 11.80
C CYS B 22 -0.60 3.77 12.24
N GLY B 23 -0.29 3.73 13.53
CA GLY B 23 0.69 4.70 14.05
C GLY B 23 2.07 4.19 13.75
N SER B 24 2.40 4.11 12.46
CA SER B 24 3.69 3.55 12.06
C SER B 24 4.63 4.41 11.22
N CYS B 25 4.57 5.74 11.32
CA CYS B 25 5.53 6.60 10.59
C CYS B 25 6.99 6.13 10.80
N TRP B 26 7.25 5.60 11.99
CA TRP B 26 8.59 5.20 12.42
C TRP B 26 9.07 4.01 11.59
N ALA B 27 8.13 3.15 11.23
CA ALA B 27 8.45 2.02 10.39
C ALA B 27 8.78 2.45 8.96
N PHE B 28 7.98 3.37 8.42
CA PHE B 28 8.21 3.97 7.12
C PHE B 28 9.45 4.85 7.07
N SER B 29 9.69 5.58 8.15
CA SER B 29 10.95 6.28 8.22
C SER B 29 12.08 5.27 8.13
N ALA B 30 11.96 4.23 8.93
CA ALA B 30 13.02 3.24 9.05
C ALA B 30 13.31 2.49 7.75
N THR B 31 12.25 2.10 7.03
CA THR B 31 12.44 1.29 5.82
C THR B 31 13.06 2.17 4.75
N GLY B 32 12.75 3.45 4.86
CA GLY B 32 13.19 4.48 3.99
C GLY B 32 14.68 4.57 4.00
N ALA B 33 15.26 4.71 5.19
CA ALA B 33 16.67 4.96 5.32
C ALA B 33 17.44 3.69 5.03
N LEU B 34 16.84 2.55 5.38
CA LEU B 34 17.47 1.25 5.04
C LEU B 34 17.46 1.02 3.51
N GLU B 35 16.34 1.29 2.85
CA GLU B 35 16.26 1.20 1.37
C GLU B 35 17.40 1.94 0.62
N GLY B 36 17.71 3.17 1.00
CA GLY B 36 18.79 3.93 0.36
C GLY B 36 20.15 3.42 0.76
N GLN B 37 20.27 3.02 2.02
CA GLN B 37 21.50 2.35 2.46
C GLN B 37 21.75 1.01 1.72
N MET B 38 20.70 0.23 1.47
CA MET B 38 20.81 -1.00 0.68
C MET B 38 21.16 -0.70 -0.77
N PHE B 39 20.57 0.37 -1.29
CA PHE B 39 20.86 0.81 -2.66
C PHE B 39 22.31 1.21 -2.77
N ARG B 40 22.83 1.92 -1.78
CA ARG B 40 24.22 2.36 -1.85
C ARG B 40 25.11 1.13 -2.03
N LYS B 41 24.72 0.03 -1.38
CA LYS B 41 25.54 -1.17 -1.26
C LYS B 41 25.38 -2.06 -2.46
N THR B 42 24.14 -2.43 -2.79
CA THR B 42 23.86 -3.39 -3.87
C THR B 42 23.57 -2.81 -5.25
N GLY B 43 23.06 -1.58 -5.34
CA GLY B 43 22.63 -1.03 -6.64
C GLY B 43 21.20 -1.42 -6.96
N ARG B 44 20.51 -2.00 -5.98
CA ARG B 44 19.10 -2.38 -6.13
C ARG B 44 18.24 -1.58 -5.16
N LEU B 45 17.22 -0.91 -5.70
CA LEU B 45 16.20 -0.29 -4.88
C LEU B 45 15.09 -1.27 -4.58
N ILE B 46 14.98 -1.73 -3.35
CA ILE B 46 13.92 -2.69 -3.06
C ILE B 46 13.11 -2.15 -1.93
N SER B 47 11.84 -1.98 -2.18
CA SER B 47 10.99 -1.48 -1.10
C SER B 47 10.90 -2.55 0.02
N LEU B 48 11.08 -2.10 1.28
CA LEU B 48 11.23 -3.04 2.41
C LEU B 48 9.94 -3.17 3.27
N SER B 49 9.84 -4.24 4.04
CA SER B 49 8.55 -4.51 4.68
C SER B 49 8.32 -3.75 5.97
N GLU B 50 7.41 -2.77 5.95
CA GLU B 50 7.02 -2.11 7.20
C GLU B 50 6.29 -3.04 8.14
N GLN B 51 5.54 -3.97 7.55
CA GLN B 51 4.72 -4.88 8.34
C GLN B 51 5.59 -5.77 9.17
N ASN B 52 6.74 -6.14 8.62
CA ASN B 52 7.74 -6.95 9.29
C ASN B 52 8.16 -6.20 10.55
N LEU B 53 8.38 -4.89 10.42
CA LEU B 53 8.69 -4.04 11.59
C LEU B 53 7.53 -3.97 12.59
N VAL B 54 6.35 -3.70 12.08
CA VAL B 54 5.16 -3.53 12.90
C VAL B 54 4.80 -4.74 13.74
N ASP B 55 4.80 -5.93 13.13
CA ASP B 55 4.41 -7.15 13.81
C ASP B 55 5.51 -7.73 14.72
N CYS B 56 6.77 -7.44 14.42
CA CYS B 56 7.86 -8.25 15.00
C CYS B 56 8.86 -7.52 15.90
N SER B 57 8.85 -6.17 15.93
CA SER B 57 9.85 -5.46 16.73
C SER B 57 9.45 -4.97 18.14
N GLY B 58 8.35 -5.53 18.66
CA GLY B 58 7.97 -5.39 20.07
C GLY B 58 9.16 -5.56 21.01
N PRO B 59 9.87 -6.70 20.94
CA PRO B 59 10.93 -6.89 21.95
C PRO B 59 11.92 -5.74 21.98
N GLN B 60 12.07 -5.03 20.86
CA GLN B 60 12.98 -3.90 20.85
C GLN B 60 12.38 -2.63 21.51
N GLY B 61 11.09 -2.66 21.85
CA GLY B 61 10.42 -1.48 22.40
C GLY B 61 9.47 -0.76 21.44
N ASN B 62 9.30 -1.26 20.21
CA ASN B 62 8.24 -0.72 19.32
C ASN B 62 6.86 -1.25 19.77
N GLU B 63 5.81 -0.49 19.51
CA GLU B 63 4.46 -0.87 19.95
C GLU B 63 3.51 -1.02 18.76
N GLY B 64 4.07 -1.45 17.63
CA GLY B 64 3.31 -1.71 16.41
C GLY B 64 2.57 -0.53 15.85
N CYS B 65 1.24 -0.59 15.87
CA CYS B 65 0.45 0.54 15.39
C CYS B 65 0.30 1.66 16.41
N ASN B 66 0.78 1.43 17.64
CA ASN B 66 0.77 2.43 18.70
C ASN B 66 2.08 3.16 18.81
N GLY B 67 2.96 3.05 17.83
CA GLY B 67 4.11 3.93 17.83
C GLY B 67 5.45 3.26 18.03
N GLY B 68 6.51 4.03 17.99
CA GLY B 68 7.80 3.38 17.89
C GLY B 68 8.95 4.26 17.52
N LEU B 69 10.14 3.65 17.37
CA LEU B 69 11.33 4.42 17.06
C LEU B 69 12.08 3.78 15.94
N MET B 70 12.69 4.63 15.12
CA MET B 70 13.58 4.19 14.06
C MET B 70 14.74 3.37 14.55
N ASP B 71 15.31 3.78 15.69
CA ASP B 71 16.48 3.13 16.22
C ASP B 71 16.13 1.69 16.63
N TYR B 72 14.93 1.51 17.21
CA TYR B 72 14.49 0.21 17.71
C TYR B 72 14.30 -0.67 16.47
N ALA B 73 13.76 -0.02 15.42
CA ALA B 73 13.66 -0.59 14.10
C ALA B 73 15.02 -1.15 13.57
N PHE B 74 16.08 -0.33 13.57
CA PHE B 74 17.37 -0.73 13.01
C PHE B 74 17.98 -1.81 13.89
N GLN B 75 17.65 -1.75 15.19
CA GLN B 75 18.24 -2.62 16.19
C GLN B 75 17.68 -3.99 15.98
N TYR B 76 16.39 -4.03 15.60
CA TYR B 76 15.70 -5.31 15.32
C TYR B 76 16.30 -5.99 14.11
N VAL B 77 16.42 -5.27 13.01
CA VAL B 77 16.98 -5.86 11.77
C VAL B 77 18.32 -6.52 12.07
N GLN B 78 19.17 -5.82 12.81
CA GLN B 78 20.45 -6.35 13.22
C GLN B 78 20.24 -7.60 14.06
N ASP B 79 19.36 -7.51 15.07
CA ASP B 79 19.13 -8.58 16.03
C ASP B 79 18.55 -9.78 15.32
N ASN B 80 17.58 -9.49 14.46
CA ASN B 80 16.89 -10.51 13.66
C ASN B 80 17.78 -11.06 12.56
N GLY B 81 18.86 -10.36 12.21
CA GLY B 81 19.72 -10.80 11.12
C GLY B 81 19.08 -10.67 9.74
N GLY B 82 17.98 -9.93 9.63
CA GLY B 82 17.45 -9.58 8.31
C GLY B 82 16.04 -9.02 8.31
N LEU B 83 15.59 -8.58 7.13
CA LEU B 83 14.24 -8.01 7.00
C LEU B 83 13.64 -8.36 5.64
N ASP B 84 12.36 -8.73 5.64
CA ASP B 84 11.70 -9.24 4.44
C ASP B 84 11.33 -8.10 3.51
N SER B 85 11.28 -8.36 2.21
CA SER B 85 10.71 -7.44 1.24
C SER B 85 9.23 -7.07 1.48
N GLU B 86 8.83 -5.89 0.99
CA GLU B 86 7.43 -5.46 0.92
C GLU B 86 6.57 -6.51 0.17
N GLU B 87 7.05 -6.96 -0.99
CA GLU B 87 6.38 -7.95 -1.85
C GLU B 87 6.08 -9.23 -1.08
N SER B 88 7.12 -9.79 -0.46
CA SER B 88 7.02 -10.99 0.37
C SER B 88 6.13 -10.84 1.63
N TYR B 89 6.18 -9.66 2.23
CA TYR B 89 5.50 -9.41 3.50
C TYR B 89 4.82 -8.06 3.33
N PRO B 90 3.68 -8.01 2.60
CA PRO B 90 3.01 -6.73 2.23
C PRO B 90 2.51 -5.90 3.43
N TYR B 91 2.40 -4.60 3.25
CA TYR B 91 1.94 -3.73 4.34
C TYR B 91 0.44 -3.94 4.47
N GLU B 92 -0.04 -4.06 5.69
CA GLU B 92 -1.47 -4.22 5.92
C GLU B 92 -2.19 -3.07 6.63
N ALA B 93 -1.44 -2.10 7.16
CA ALA B 93 -1.98 -1.11 8.14
C ALA B 93 -2.63 -1.71 9.44
N THR B 94 -2.27 -2.93 9.85
CA THR B 94 -2.60 -3.42 11.19
C THR B 94 -1.35 -4.01 11.77
N GLU B 95 -1.55 -4.66 12.91
CA GLU B 95 -0.56 -5.39 13.65
C GLU B 95 -1.11 -6.80 13.82
N GLU B 96 -0.32 -7.77 13.39
CA GLU B 96 -0.64 -9.19 13.54
C GLU B 96 0.61 -9.89 14.13
N SER B 97 0.52 -11.21 14.27
CA SER B 97 1.65 -12.09 14.64
C SER B 97 2.86 -11.93 13.68
N CYS B 98 4.05 -12.31 14.15
CA CYS B 98 5.23 -12.31 13.31
C CYS B 98 5.16 -13.35 12.19
N LYS B 99 5.46 -12.92 10.97
CA LYS B 99 5.51 -13.77 9.79
C LYS B 99 6.83 -13.46 9.12
N TYR B 100 7.81 -13.02 9.92
CA TYR B 100 9.14 -12.92 9.35
C TYR B 100 9.52 -14.29 8.74
N ASN B 101 10.25 -14.26 7.62
CA ASN B 101 10.72 -15.47 6.94
C ASN B 101 12.07 -15.14 6.27
N PRO B 102 13.17 -15.66 6.87
CA PRO B 102 14.56 -15.49 6.45
C PRO B 102 14.80 -15.73 4.97
N LYS B 103 13.95 -16.57 4.36
CA LYS B 103 14.05 -16.92 2.95
C LYS B 103 13.74 -15.70 2.09
N TYR B 104 12.96 -14.77 2.64
CA TYR B 104 12.63 -13.55 1.91
C TYR B 104 13.36 -12.27 2.34
N SER B 105 14.28 -12.42 3.29
CA SER B 105 15.13 -11.29 3.67
C SER B 105 15.94 -10.75 2.47
N VAL B 106 15.91 -9.44 2.31
CA VAL B 106 16.58 -8.74 1.20
C VAL B 106 17.33 -7.54 1.77
N ALA B 107 17.26 -7.38 3.11
CA ALA B 107 17.94 -6.31 3.79
C ALA B 107 18.55 -6.78 5.10
N ASN B 108 19.65 -6.12 5.49
CA ASN B 108 20.32 -6.37 6.75
C ASN B 108 21.03 -5.12 7.26
N ASP B 109 21.26 -5.02 8.57
CA ASP B 109 22.11 -3.96 9.10
C ASP B 109 22.88 -4.40 10.35
N THR B 110 23.88 -3.59 10.70
CA THR B 110 24.89 -3.98 11.67
C THR B 110 24.87 -3.00 12.83
N GLY B 111 23.72 -2.36 13.02
CA GLY B 111 23.57 -1.24 13.92
C GLY B 111 23.11 0.02 13.21
N PHE B 112 23.30 1.15 13.90
CA PHE B 112 22.86 2.47 13.41
C PHE B 112 23.77 3.55 13.96
N VAL B 113 23.74 4.72 13.32
CA VAL B 113 24.54 5.84 13.77
C VAL B 113 23.61 7.01 14.08
N ASP B 114 23.76 7.60 15.26
CA ASP B 114 23.11 8.83 15.58
C ASP B 114 23.96 9.95 15.10
N ILE B 115 23.28 10.92 14.52
CA ILE B 115 23.93 12.12 13.98
C ILE B 115 24.00 13.16 15.08
N PRO B 116 25.15 13.81 15.25
CA PRO B 116 25.14 14.87 16.25
C PRO B 116 23.96 15.87 16.07
N LYS B 117 23.43 16.35 17.18
CA LYS B 117 22.13 16.98 17.17
C LYS B 117 22.13 18.45 16.74
N GLN B 118 22.77 18.72 15.61
CA GLN B 118 22.90 20.08 15.12
C GLN B 118 22.62 20.00 13.63
N GLU B 119 22.09 21.09 13.07
CA GLU B 119 21.69 21.10 11.62
C GLU B 119 22.89 21.11 10.67
N LYS B 120 24.03 21.51 11.18
CA LYS B 120 25.29 21.45 10.45
C LYS B 120 25.74 20.01 10.23
N ALA B 121 25.67 19.18 11.28
CA ALA B 121 26.07 17.77 11.18
C ALA B 121 25.03 16.98 10.37
N LEU B 122 23.78 17.44 10.39
CA LEU B 122 22.75 16.74 9.64
C LEU B 122 23.06 16.93 8.18
N MET B 123 23.38 18.17 7.82
CA MET B 123 23.65 18.52 6.44
C MET B 123 24.76 17.67 5.89
N LYS B 124 25.83 17.55 6.67
CA LYS B 124 26.98 16.71 6.28
C LYS B 124 26.58 15.24 6.05
N ALA B 125 25.75 14.73 6.94
CA ALA B 125 25.42 13.33 6.93
C ALA B 125 24.53 13.04 5.71
N VAL B 126 23.61 13.93 5.42
CA VAL B 126 22.75 13.83 4.24
C VAL B 126 23.61 13.95 2.97
N ALA B 127 24.64 14.79 3.00
CA ALA B 127 25.48 14.97 1.81
C ALA B 127 26.30 13.72 1.47
N THR B 128 26.65 12.94 2.50
CA THR B 128 27.68 11.90 2.36
C THR B 128 27.16 10.48 2.48
N VAL B 129 26.12 10.29 3.29
CA VAL B 129 25.54 8.99 3.56
C VAL B 129 24.36 8.63 2.61
N GLY B 130 23.40 9.54 2.47
CA GLY B 130 22.18 9.28 1.75
C GLY B 130 21.00 9.68 2.65
N PRO B 131 19.80 9.16 2.39
CA PRO B 131 18.66 9.62 3.19
C PRO B 131 18.80 9.39 4.68
N ILE B 132 18.27 10.30 5.51
CA ILE B 132 18.34 10.16 6.98
C ILE B 132 16.95 10.06 7.67
N SER B 133 16.76 9.05 8.52
CA SER B 133 15.61 9.01 9.45
C SER B 133 15.74 10.11 10.46
N VAL B 134 14.72 10.94 10.55
CA VAL B 134 14.71 11.99 11.50
C VAL B 134 13.30 12.00 12.07
N ALA B 135 13.11 12.71 13.14
CA ALA B 135 11.78 12.78 13.71
C ALA B 135 11.50 14.27 13.96
N ILE B 136 10.27 14.70 13.72
CA ILE B 136 9.89 16.16 13.74
C ILE B 136 8.65 16.41 14.58
N ASP B 137 8.52 17.65 15.03
CA ASP B 137 7.33 18.00 15.69
C ASP B 137 6.30 18.24 14.56
N ALA B 138 5.40 17.28 14.39
CA ALA B 138 4.38 17.31 13.30
C ALA B 138 2.99 17.57 13.83
N GLY B 139 2.88 17.83 15.15
CA GLY B 139 1.62 17.92 15.88
C GLY B 139 0.86 19.24 15.74
N HIS B 140 0.99 19.88 14.58
CA HIS B 140 0.35 21.19 14.36
C HIS B 140 -0.49 21.14 13.09
N GLU B 141 -1.68 21.74 13.13
CA GLU B 141 -2.59 21.70 11.97
C GLU B 141 -1.94 22.14 10.70
N SER B 142 -1.10 23.16 10.77
CA SER B 142 -0.27 23.55 9.63
C SER B 142 0.50 22.39 9.01
N PHE B 143 0.90 21.41 9.81
CA PHE B 143 1.60 20.28 9.24
C PHE B 143 0.61 19.29 8.63
N LEU B 144 -0.48 19.06 9.35
CA LEU B 144 -1.44 18.07 8.95
C LEU B 144 -2.09 18.46 7.60
N PHE B 145 -2.31 19.76 7.40
CA PHE B 145 -2.84 20.29 6.14
C PHE B 145 -1.80 20.99 5.28
N TYR B 146 -0.52 20.67 5.46
CA TYR B 146 0.53 21.21 4.60
C TYR B 146 0.32 20.98 3.07
N LYS B 147 0.54 22.00 2.26
CA LYS B 147 0.37 21.86 0.81
C LYS B 147 1.66 22.04 -0.02
N GLU B 148 2.33 23.17 0.16
CA GLU B 148 3.49 23.58 -0.67
C GLU B 148 4.30 24.71 0.04
N GLY B 149 5.46 25.05 -0.50
CA GLY B 149 6.28 26.08 0.12
C GLY B 149 7.13 25.54 1.25
N ILE B 150 7.84 26.43 1.92
CA ILE B 150 8.74 26.03 2.97
C ILE B 150 7.95 26.07 4.28
N TYR B 151 7.87 24.93 4.95
CA TYR B 151 7.11 24.80 6.18
C TYR B 151 7.84 25.50 7.35
N PHE B 152 7.16 26.40 8.03
CA PHE B 152 7.70 27.00 9.24
C PHE B 152 6.54 27.25 10.21
N GLU B 153 6.63 26.65 11.39
CA GLU B 153 5.57 26.78 12.40
C GLU B 153 6.19 27.48 13.60
N PRO B 154 5.84 28.76 13.81
CA PRO B 154 6.46 29.60 14.84
C PRO B 154 6.48 28.97 16.24
N ASP B 155 5.42 28.30 16.68
CA ASP B 155 5.46 27.63 17.98
C ASP B 155 5.85 26.13 17.92
N CYS B 156 6.62 25.71 16.89
CA CYS B 156 7.16 24.32 16.81
C CYS B 156 8.16 24.17 17.95
N SER B 157 8.46 22.94 18.32
CA SER B 157 9.35 22.65 19.39
C SER B 157 10.45 21.78 18.79
N SER B 158 11.71 22.08 19.08
CA SER B 158 12.80 21.16 18.72
C SER B 158 12.96 20.06 19.77
N GLU B 159 11.99 19.98 20.69
CA GLU B 159 12.04 19.06 21.83
C GLU B 159 10.94 18.02 21.79
N ASP B 160 9.76 18.41 21.27
CA ASP B 160 8.56 17.56 21.31
C ASP B 160 8.19 16.95 19.94
N MET B 161 9.19 16.33 19.31
CA MET B 161 9.00 15.64 18.04
C MET B 161 8.09 14.43 18.30
N ASP B 162 7.29 14.07 17.31
CA ASP B 162 6.25 13.03 17.51
C ASP B 162 6.02 12.17 16.27
N HIS B 163 6.88 12.35 15.26
CA HIS B 163 6.62 11.82 13.89
C HIS B 163 7.89 11.47 13.13
N GLY B 164 8.07 10.20 12.74
CA GLY B 164 9.24 9.83 11.94
C GLY B 164 9.07 10.01 10.43
N VAL B 165 10.08 10.63 9.78
CA VAL B 165 9.97 11.00 8.37
C VAL B 165 11.36 10.81 7.83
N LEU B 166 11.61 11.16 6.58
CA LEU B 166 12.90 10.81 6.03
C LEU B 166 13.45 11.97 5.26
N VAL B 167 14.60 12.49 5.71
CA VAL B 167 15.31 13.53 4.97
C VAL B 167 15.99 13.00 3.70
N VAL B 168 15.53 13.45 2.54
CA VAL B 168 16.05 12.96 1.27
C VAL B 168 17.02 13.97 0.57
N GLY B 169 17.28 15.10 1.23
CA GLY B 169 17.95 16.23 0.60
C GLY B 169 17.70 17.58 1.27
N TYR B 170 18.14 18.62 0.58
CA TYR B 170 18.00 20.01 1.01
C TYR B 170 18.34 20.94 -0.13
N GLY B 171 17.85 22.17 -0.07
CA GLY B 171 18.38 23.20 -0.96
C GLY B 171 17.81 24.54 -0.55
N PHE B 172 17.58 25.38 -1.55
CA PHE B 172 17.17 26.74 -1.28
C PHE B 172 16.23 27.24 -2.34
N GLU B 173 15.24 27.99 -1.88
CA GLU B 173 14.30 28.64 -2.77
C GLU B 173 14.72 30.10 -2.93
N SER B 174 13.88 30.99 -2.38
CA SER B 174 13.79 32.40 -2.78
C SER B 174 12.50 32.98 -2.17
N ASP B 178 14.00 35.45 2.22
CA ASP B 178 14.74 35.79 3.42
C ASP B 178 15.57 34.60 4.01
N ASN B 179 14.88 33.72 4.73
CA ASN B 179 15.38 32.44 5.12
C ASN B 179 14.95 31.50 4.01
N ASN B 180 15.87 31.24 3.09
CA ASN B 180 15.49 30.57 1.84
C ASN B 180 15.76 29.07 1.83
N LYS B 181 16.28 28.53 2.94
CA LYS B 181 16.73 27.16 2.89
C LYS B 181 15.75 26.16 3.49
N TYR B 182 15.69 24.96 2.91
CA TYR B 182 14.84 23.86 3.41
C TYR B 182 15.53 22.48 3.35
N TRP B 183 15.04 21.60 4.22
CA TRP B 183 15.25 20.16 4.16
C TRP B 183 14.19 19.58 3.23
N LEU B 184 14.55 18.57 2.45
CA LEU B 184 13.53 17.86 1.60
C LEU B 184 13.15 16.52 2.25
N VAL B 185 11.88 16.45 2.62
CA VAL B 185 11.37 15.45 3.57
C VAL B 185 10.27 14.60 2.92
N LYS B 186 10.52 13.28 2.93
CA LYS B 186 9.56 12.25 2.52
C LYS B 186 8.66 11.91 3.70
N ASN B 187 7.32 12.07 3.54
CA ASN B 187 6.33 11.68 4.56
C ASN B 187 5.75 10.32 4.12
N SER B 188 4.91 9.71 4.94
CA SER B 188 4.33 8.43 4.68
C SER B 188 2.81 8.56 4.75
N TRP B 189 2.30 9.69 4.28
CA TRP B 189 0.86 9.95 4.31
C TRP B 189 0.21 9.87 2.90
N GLY B 190 0.91 9.29 1.93
CA GLY B 190 0.36 9.25 0.55
C GLY B 190 0.68 10.50 -0.28
N GLU B 191 0.48 10.40 -1.60
CA GLU B 191 0.88 11.44 -2.57
C GLU B 191 -0.02 12.67 -2.58
N GLU B 192 -1.19 12.59 -1.97
CA GLU B 192 -2.18 13.70 -2.00
C GLU B 192 -1.81 14.81 -0.97
N TRP B 193 -1.32 14.40 0.18
CA TRP B 193 -0.72 15.29 1.19
C TRP B 193 0.57 16.00 0.68
N GLY B 194 0.75 17.28 0.97
CA GLY B 194 1.99 17.99 0.68
C GLY B 194 2.34 18.01 -0.79
N MET B 195 3.63 17.98 -1.12
CA MET B 195 4.08 18.08 -2.52
C MET B 195 4.30 16.69 -3.09
N GLY B 196 3.24 16.08 -3.62
CA GLY B 196 3.29 14.64 -3.98
C GLY B 196 3.80 13.75 -2.85
N GLY B 197 3.53 14.14 -1.59
CA GLY B 197 3.85 13.34 -0.43
C GLY B 197 5.09 13.82 0.33
N TYR B 198 5.76 14.84 -0.22
CA TYR B 198 6.92 15.52 0.37
C TYR B 198 6.58 16.87 1.02
N VAL B 199 7.48 17.31 1.92
CA VAL B 199 7.44 18.60 2.61
C VAL B 199 8.78 19.27 2.58
N LYS B 200 8.78 20.56 2.26
CA LYS B 200 9.98 21.38 2.46
C LYS B 200 10.03 21.94 3.91
N MET B 201 10.93 21.42 4.72
CA MET B 201 10.97 21.84 6.12
C MET B 201 12.01 22.94 6.27
N ALA B 202 11.66 24.03 6.98
CA ALA B 202 12.64 25.11 7.28
C ALA B 202 14.00 24.59 7.77
N LYS B 203 15.03 24.93 7.02
CA LYS B 203 16.42 24.58 7.35
C LYS B 203 17.22 25.81 7.81
N ASP B 204 18.08 25.64 8.81
CA ASP B 204 18.96 26.69 9.36
C ASP B 204 18.20 27.82 10.05
N ARG B 205 17.11 27.44 10.73
CA ARG B 205 16.24 28.32 11.51
C ARG B 205 16.13 27.64 12.84
N ARG B 206 17.29 27.40 13.44
CA ARG B 206 17.38 27.02 14.84
C ARG B 206 16.72 25.67 15.09
N ASN B 207 17.05 24.73 14.23
CA ASN B 207 16.64 23.35 14.37
C ASN B 207 15.10 23.28 14.36
N HIS B 208 14.47 23.76 13.26
CA HIS B 208 13.04 23.84 13.18
C HIS B 208 12.29 22.48 13.34
N CYS B 209 11.36 22.42 14.32
CA CYS B 209 10.55 21.20 14.62
C CYS B 209 11.40 20.00 15.07
N GLY B 210 12.56 20.29 15.62
CA GLY B 210 13.45 19.22 16.11
C GLY B 210 14.08 18.36 15.03
N ILE B 211 14.10 18.86 13.80
CA ILE B 211 14.58 18.08 12.64
C ILE B 211 15.94 17.39 12.86
N ALA B 212 16.88 18.07 13.54
CA ALA B 212 18.21 17.49 13.84
C ALA B 212 18.35 16.84 15.22
N SER B 213 17.25 16.69 15.97
CA SER B 213 17.34 16.24 17.38
C SER B 213 17.38 14.76 17.51
N ALA B 214 16.78 14.04 16.54
CA ALA B 214 16.79 12.58 16.58
C ALA B 214 17.07 12.03 15.18
N ALA B 215 18.22 12.35 14.59
CA ALA B 215 18.51 11.83 13.26
C ALA B 215 19.50 10.68 13.32
N SER B 216 19.31 9.70 12.45
CA SER B 216 20.06 8.48 12.55
C SER B 216 19.85 7.69 11.31
N TYR B 217 20.77 6.77 11.10
CA TYR B 217 20.74 5.93 9.93
C TYR B 217 21.38 4.61 10.28
N PRO B 218 20.94 3.52 9.58
CA PRO B 218 21.39 2.13 9.73
C PRO B 218 22.74 1.84 9.05
N THR B 219 23.61 1.09 9.71
CA THR B 219 24.92 0.81 9.14
C THR B 219 24.83 -0.53 8.41
N VAL B 220 25.27 -0.56 7.16
CA VAL B 220 25.14 -1.77 6.33
C VAL B 220 26.52 -2.21 5.79
#